data_7Z1W
#
_entry.id   7Z1W
#
_cell.length_a   45.330
_cell.length_b   68.470
_cell.length_c   159.910
_cell.angle_alpha   90.000
_cell.angle_beta   90.000
_cell.angle_gamma   90.000
#
_symmetry.space_group_name_H-M   'P 21 21 21'
#
loop_
_entity.id
_entity.type
_entity.pdbx_description
1 polymer 'Protein mono-ADP-ribosyltransferase PARP15'
2 non-polymer 6-chloranyl-[1,2,4]triazolo[3,4-b][1,3]benzothiazole
3 non-polymer 'DIMETHYL SULFOXIDE'
4 water water
#
_entity_poly.entity_id   1
_entity_poly.type   'polypeptide(L)'
_entity_poly.pdbx_seq_one_letter_code
;MHHHHHHSSGVDLGTENLYFQSMNLPEHWTDMNHQLFCMVQLEPGQSEYNTIKDKFTRTCSSYAIEKIERIQNAFLWQSY
QVKKRQMDIKNDHKNNERLLFHGTDADSVPYVNQHGFNRSCAGKNAVSYGKGTYFAVDASYSAKDTYSKPDSNGRKHMYV
VRVLTGVFTKGRAGLVTPPPKNPHNPTDLFDSVTNNTRSPKLFVVFFDNQAYPEYLITFTA
;
_entity_poly.pdbx_strand_id   A,B
#
# COMPACT_ATOMS: atom_id res chain seq x y z
N ASN A 24 15.52 2.34 12.97
CA ASN A 24 15.07 3.16 14.14
C ASN A 24 14.00 2.40 14.92
N LEU A 25 14.31 1.15 15.29
CA LEU A 25 13.40 0.19 15.98
C LEU A 25 13.19 0.67 17.42
N PRO A 26 11.94 0.71 17.93
CA PRO A 26 11.65 1.35 19.22
C PRO A 26 12.40 0.77 20.42
N GLU A 27 12.46 1.53 21.52
CA GLU A 27 13.22 1.22 22.76
C GLU A 27 12.64 -0.04 23.42
N HIS A 28 11.32 -0.08 23.62
CA HIS A 28 10.59 -1.15 24.37
C HIS A 28 10.73 -2.49 23.65
N TRP A 29 11.15 -2.52 22.38
CA TRP A 29 11.42 -3.79 21.68
C TRP A 29 12.58 -4.48 22.38
N THR A 30 12.64 -5.80 22.27
CA THR A 30 13.75 -6.61 22.80
C THR A 30 14.56 -7.13 21.61
N ASP A 31 15.83 -7.45 21.89
CA ASP A 31 16.86 -7.85 20.90
C ASP A 31 16.32 -8.99 20.03
N MET A 32 16.63 -8.95 18.74
CA MET A 32 16.09 -9.92 17.76
C MET A 32 17.21 -10.75 17.10
N ASN A 33 18.41 -10.73 17.67
CA ASN A 33 19.56 -11.53 17.18
C ASN A 33 19.75 -11.21 15.70
N HIS A 34 19.71 -9.92 15.32
CA HIS A 34 19.91 -9.43 13.93
C HIS A 34 18.81 -9.96 13.00
N GLN A 35 17.64 -10.36 13.50
CA GLN A 35 16.47 -10.74 12.66
C GLN A 35 15.51 -9.55 12.56
N LEU A 36 14.53 -9.62 11.66
CA LEU A 36 13.65 -8.50 11.28
C LEU A 36 12.20 -8.77 11.68
N PHE A 37 11.87 -9.98 12.14
CA PHE A 37 10.52 -10.30 12.63
C PHE A 37 10.60 -11.18 13.88
N CYS A 38 9.89 -10.79 14.94
CA CYS A 38 9.70 -11.62 16.15
C CYS A 38 8.33 -11.28 16.75
N MET A 39 7.59 -12.28 17.23
CA MET A 39 6.46 -12.15 18.17
C MET A 39 6.98 -12.41 19.59
N VAL A 40 6.87 -11.44 20.50
CA VAL A 40 7.43 -11.55 21.88
C VAL A 40 6.26 -11.61 22.87
N GLN A 41 6.09 -12.74 23.56
CA GLN A 41 5.03 -12.87 24.57
C GLN A 41 5.38 -11.94 25.74
N LEU A 42 4.44 -11.11 26.19
CA LEU A 42 4.66 -10.18 27.32
C LEU A 42 4.54 -10.92 28.66
N GLU A 43 5.34 -10.50 29.63
CA GLU A 43 5.28 -10.96 31.04
C GLU A 43 4.05 -10.38 31.72
N PRO A 44 3.07 -11.18 32.21
CA PRO A 44 1.96 -10.62 32.98
C PRO A 44 2.44 -9.84 34.21
N GLY A 45 1.76 -8.75 34.55
CA GLY A 45 2.04 -7.95 35.76
C GLY A 45 3.11 -6.91 35.53
N GLN A 46 3.88 -6.99 34.44
CA GLN A 46 4.83 -5.89 34.11
C GLN A 46 4.08 -4.78 33.40
N SER A 47 4.68 -3.60 33.38
CA SER A 47 4.04 -2.31 33.00
C SER A 47 3.41 -2.40 31.59
N GLU A 48 4.15 -2.93 30.62
CA GLU A 48 3.71 -2.98 29.21
C GLU A 48 2.43 -3.82 29.10
N TYR A 49 2.46 -5.05 29.62
CA TYR A 49 1.31 -5.99 29.67
C TYR A 49 0.13 -5.28 30.35
N ASN A 50 0.38 -4.65 31.51
CA ASN A 50 -0.69 -4.00 32.32
C ASN A 50 -1.38 -2.92 31.46
N THR A 51 -0.58 -2.10 30.76
CA THR A 51 -1.10 -1.00 29.93
C THR A 51 -2.01 -1.55 28.84
N ILE A 52 -1.57 -2.59 28.14
CA ILE A 52 -2.35 -3.15 26.99
C ILE A 52 -3.57 -3.85 27.55
N LYS A 53 -3.42 -4.64 28.61
CA LYS A 53 -4.56 -5.33 29.29
C LYS A 53 -5.62 -4.29 29.70
N ASP A 54 -5.24 -3.16 30.29
CA ASP A 54 -6.21 -2.14 30.75
C ASP A 54 -6.97 -1.53 29.54
N LYS A 55 -6.34 -1.37 28.37
CA LYS A 55 -7.02 -0.83 27.15
C LYS A 55 -8.14 -1.78 26.73
N PHE A 56 -7.89 -3.08 26.82
CA PHE A 56 -8.84 -4.17 26.45
C PHE A 56 -9.96 -4.26 27.49
N THR A 57 -9.59 -4.33 28.78
CA THR A 57 -10.54 -4.63 29.90
C THR A 57 -11.45 -3.44 30.15
N ARG A 58 -11.11 -2.24 29.69
CA ARG A 58 -12.04 -1.07 29.66
C ARG A 58 -13.42 -1.51 29.13
N THR A 59 -13.48 -2.32 28.07
CA THR A 59 -14.78 -2.72 27.46
C THR A 59 -14.93 -4.24 27.39
N CYS A 60 -13.90 -5.01 27.73
CA CYS A 60 -13.90 -6.50 27.61
C CYS A 60 -13.48 -7.16 28.92
N SER A 61 -13.93 -6.65 30.07
CA SER A 61 -13.55 -7.19 31.41
C SER A 61 -14.10 -8.61 31.59
N SER A 62 -15.10 -9.03 30.82
CA SER A 62 -15.75 -10.37 31.00
C SER A 62 -14.98 -11.46 30.24
N TYR A 63 -13.97 -11.09 29.44
CA TYR A 63 -13.19 -12.03 28.62
C TYR A 63 -11.90 -12.41 29.37
N ALA A 64 -11.45 -13.65 29.26
CA ALA A 64 -10.18 -14.16 29.82
C ALA A 64 -9.04 -13.94 28.82
N ILE A 65 -8.02 -13.15 29.18
CA ILE A 65 -6.75 -13.04 28.40
C ILE A 65 -5.87 -14.28 28.67
N GLU A 66 -5.50 -15.00 27.62
CA GLU A 66 -4.52 -16.10 27.65
C GLU A 66 -3.12 -15.49 27.47
N LYS A 67 -2.91 -14.63 26.49
CA LYS A 67 -1.58 -13.98 26.36
C LYS A 67 -1.68 -12.73 25.50
N ILE A 68 -0.66 -11.88 25.66
CA ILE A 68 -0.43 -10.67 24.82
C ILE A 68 0.98 -10.78 24.25
N GLU A 69 1.09 -10.65 22.94
CA GLU A 69 2.39 -10.66 22.23
C GLU A 69 2.63 -9.29 21.61
N ARG A 70 3.86 -8.79 21.75
CA ARG A 70 4.38 -7.60 21.03
C ARG A 70 4.81 -8.06 19.64
N ILE A 71 4.30 -7.39 18.61
CA ILE A 71 4.66 -7.67 17.21
C ILE A 71 5.86 -6.79 16.86
N GLN A 72 7.00 -7.42 16.63
CA GLN A 72 8.26 -6.70 16.24
C GLN A 72 8.51 -7.05 14.77
N ASN A 73 7.97 -6.24 13.87
CA ASN A 73 8.10 -6.40 12.41
C ASN A 73 8.83 -5.16 11.90
N ALA A 74 10.13 -5.26 11.67
CA ALA A 74 10.99 -4.12 11.32
C ALA A 74 10.52 -3.45 10.02
N PHE A 75 10.18 -4.24 9.01
CA PHE A 75 9.77 -3.71 7.68
C PHE A 75 8.44 -2.95 7.79
N LEU A 76 7.45 -3.52 8.46
CA LEU A 76 6.13 -2.87 8.62
C LEU A 76 6.30 -1.59 9.43
N TRP A 77 7.12 -1.64 10.48
CA TRP A 77 7.38 -0.47 11.35
C TRP A 77 8.00 0.66 10.51
N GLN A 78 9.02 0.33 9.73
CA GLN A 78 9.73 1.32 8.88
C GLN A 78 8.75 1.97 7.92
N SER A 79 7.97 1.19 7.17
CA SER A 79 7.00 1.69 6.17
C SER A 79 5.92 2.52 6.86
N TYR A 80 5.46 2.08 8.02
CA TYR A 80 4.48 2.85 8.83
C TYR A 80 5.08 4.19 9.30
N GLN A 81 6.31 4.20 9.82
CA GLN A 81 6.95 5.42 10.38
C GLN A 81 7.17 6.43 9.26
N VAL A 82 7.44 5.97 8.04
CA VAL A 82 7.62 6.85 6.86
C VAL A 82 6.29 7.55 6.60
N LYS A 83 5.20 6.80 6.56
CA LYS A 83 3.86 7.39 6.32
CA LYS A 83 3.87 7.39 6.31
C LYS A 83 3.49 8.36 7.45
N LYS A 84 3.84 8.02 8.69
CA LYS A 84 3.56 8.91 9.85
C LYS A 84 4.31 10.23 9.64
N ARG A 85 5.60 10.18 9.28
CA ARG A 85 6.40 11.41 9.08
C ARG A 85 5.76 12.24 7.96
N GLN A 86 5.32 11.57 6.88
CA GLN A 86 4.70 12.24 5.71
C GLN A 86 3.40 12.90 6.14
N MET A 87 2.59 12.20 6.95
CA MET A 87 1.26 12.73 7.36
C MET A 87 1.44 13.90 8.34
N ASP A 88 2.46 13.85 9.21
CA ASP A 88 2.79 14.93 10.17
C ASP A 88 3.19 16.20 9.38
N ILE A 89 3.94 16.06 8.28
CA ILE A 89 4.30 17.19 7.36
C ILE A 89 3.05 17.72 6.64
N LYS A 90 2.31 16.84 5.98
CA LYS A 90 1.12 17.22 5.16
C LYS A 90 0.10 17.95 6.04
N ASN A 91 -0.20 17.43 7.22
CA ASN A 91 -1.26 17.97 8.10
C ASN A 91 -0.69 19.06 9.00
N ASP A 92 0.63 19.24 9.04
CA ASP A 92 1.32 20.36 9.74
C ASP A 92 1.02 20.31 11.26
N HIS A 93 0.83 19.11 11.81
CA HIS A 93 0.68 18.81 13.27
C HIS A 93 0.90 17.29 13.44
N LYS A 94 0.91 16.83 14.69
CA LYS A 94 1.37 15.47 15.10
C LYS A 94 0.28 14.70 15.85
N ASN A 95 -1.00 15.02 15.70
CA ASN A 95 -2.05 14.19 16.32
C ASN A 95 -2.69 13.32 15.25
N ASN A 96 -1.89 12.61 14.46
CA ASN A 96 -2.41 11.83 13.31
C ASN A 96 -2.63 10.38 13.69
N GLU A 97 -2.16 9.95 14.85
CA GLU A 97 -2.11 8.52 15.28
C GLU A 97 -3.13 8.26 16.40
N ARG A 98 -3.79 7.11 16.35
CA ARG A 98 -4.71 6.58 17.40
C ARG A 98 -4.40 5.10 17.61
N LEU A 99 -4.70 4.59 18.79
CA LEU A 99 -4.56 3.17 19.14
C LEU A 99 -5.95 2.53 19.04
N LEU A 100 -6.11 1.61 18.11
CA LEU A 100 -7.44 1.03 17.83
C LEU A 100 -7.31 -0.50 17.86
N PHE A 101 -8.44 -1.19 17.74
CA PHE A 101 -8.54 -2.65 17.82
C PHE A 101 -8.94 -3.23 16.47
N HIS A 102 -8.50 -4.44 16.20
CA HIS A 102 -8.98 -5.17 15.00
C HIS A 102 -9.13 -6.63 15.36
N GLY A 103 -10.33 -7.17 15.19
CA GLY A 103 -10.56 -8.61 15.42
C GLY A 103 -10.34 -9.37 14.15
N THR A 104 -9.66 -10.51 14.21
CA THR A 104 -9.53 -11.37 13.02
C THR A 104 -9.62 -12.85 13.41
N ASP A 105 -9.89 -13.69 12.40
CA ASP A 105 -9.86 -15.17 12.51
C ASP A 105 -8.41 -15.63 12.64
N ALA A 106 -8.22 -16.78 13.28
CA ALA A 106 -6.90 -17.40 13.51
C ALA A 106 -6.14 -17.58 12.20
N ASP A 107 -6.82 -17.90 11.09
CA ASP A 107 -6.11 -18.21 9.82
C ASP A 107 -5.45 -16.95 9.23
N SER A 108 -5.91 -15.74 9.57
CA SER A 108 -5.37 -14.45 9.05
C SER A 108 -4.21 -13.93 9.91
N VAL A 109 -4.03 -14.46 11.11
CA VAL A 109 -3.04 -13.94 12.10
C VAL A 109 -1.63 -13.98 11.52
N PRO A 110 -1.14 -15.11 10.95
CA PRO A 110 0.22 -15.14 10.39
C PRO A 110 0.44 -14.05 9.33
N TYR A 111 -0.53 -13.87 8.45
CA TYR A 111 -0.48 -12.85 7.37
C TYR A 111 -0.35 -11.46 7.99
N VAL A 112 -1.24 -11.10 8.91
CA VAL A 112 -1.22 -9.76 9.54
C VAL A 112 0.12 -9.56 10.26
N ASN A 113 0.59 -10.53 11.04
CA ASN A 113 1.87 -10.37 11.78
C ASN A 113 3.00 -9.99 10.82
N GLN A 114 3.00 -10.60 9.64
CA GLN A 114 4.09 -10.55 8.63
C GLN A 114 3.87 -9.36 7.69
N HIS A 115 2.64 -9.13 7.24
CA HIS A 115 2.32 -8.21 6.11
C HIS A 115 1.41 -7.07 6.53
N GLY A 116 0.85 -7.09 7.74
CA GLY A 116 -0.07 -6.05 8.20
C GLY A 116 -1.43 -6.16 7.54
N PHE A 117 -2.10 -5.03 7.37
CA PHE A 117 -3.54 -4.98 7.02
C PHE A 117 -3.65 -4.74 5.51
N ASN A 118 -4.51 -5.51 4.86
CA ASN A 118 -4.67 -5.55 3.39
C ASN A 118 -6.16 -5.39 3.07
N ARG A 119 -6.53 -4.24 2.52
CA ARG A 119 -7.94 -3.96 2.15
C ARG A 119 -8.44 -4.98 1.12
N SER A 120 -7.55 -5.65 0.37
CA SER A 120 -7.95 -6.60 -0.69
C SER A 120 -8.41 -7.95 -0.11
N CYS A 121 -8.23 -8.20 1.20
CA CYS A 121 -8.40 -9.56 1.81
C CYS A 121 -9.86 -9.78 2.23
N ASN A 125 -17.34 -9.78 5.84
CA ASN A 125 -17.73 -8.67 6.76
C ASN A 125 -18.13 -7.44 5.94
N ALA A 126 -18.92 -6.55 6.55
CA ALA A 126 -19.54 -5.36 5.90
C ALA A 126 -18.46 -4.32 5.56
N VAL A 127 -18.76 -3.48 4.57
CA VAL A 127 -17.88 -2.40 4.03
C VAL A 127 -18.73 -1.15 3.80
N SER A 128 -19.62 -0.91 4.76
CA SER A 128 -20.65 0.16 4.83
C SER A 128 -20.02 1.54 4.71
N TYR A 129 -18.79 1.73 5.19
CA TYR A 129 -18.14 3.06 5.19
C TYR A 129 -16.98 3.08 4.18
N GLY A 130 -16.83 2.04 3.37
CA GLY A 130 -15.85 2.03 2.27
C GLY A 130 -15.06 0.74 2.24
N LYS A 131 -14.33 0.52 1.14
CA LYS A 131 -13.58 -0.74 0.93
C LYS A 131 -12.15 -0.52 1.40
N GLY A 132 -11.98 -0.49 2.73
CA GLY A 132 -10.67 -0.43 3.41
C GLY A 132 -10.61 -1.39 4.57
N THR A 133 -9.66 -1.17 5.48
CA THR A 133 -9.54 -2.00 6.69
C THR A 133 -10.22 -1.24 7.82
N TYR A 134 -11.00 -1.96 8.62
CA TYR A 134 -11.84 -1.42 9.71
C TYR A 134 -11.09 -1.59 11.03
N PHE A 135 -11.08 -0.54 11.86
CA PHE A 135 -10.48 -0.54 13.22
C PHE A 135 -11.51 0.06 14.18
N ALA A 136 -11.68 -0.55 15.36
CA ALA A 136 -12.69 -0.16 16.38
C ALA A 136 -12.00 0.71 17.44
N VAL A 137 -12.73 1.70 17.94
CA VAL A 137 -12.31 2.47 19.14
C VAL A 137 -12.35 1.54 20.37
N ASP A 138 -13.39 0.73 20.50
CA ASP A 138 -13.61 -0.14 21.68
C ASP A 138 -13.30 -1.60 21.35
N ALA A 139 -12.56 -2.27 22.22
CA ALA A 139 -12.24 -3.71 22.11
C ALA A 139 -13.54 -4.54 22.00
N SER A 140 -14.61 -4.13 22.70
CA SER A 140 -15.91 -4.85 22.72
C SER A 140 -16.44 -5.03 21.29
N TYR A 141 -16.23 -4.05 20.42
CA TYR A 141 -16.68 -4.11 19.00
C TYR A 141 -15.87 -5.20 18.27
N SER A 142 -14.54 -5.15 18.37
CA SER A 142 -13.62 -6.12 17.74
C SER A 142 -13.84 -7.51 18.37
N ALA A 143 -14.38 -7.57 19.59
CA ALA A 143 -14.56 -8.85 20.34
C ALA A 143 -15.75 -9.66 19.81
N LYS A 144 -16.60 -9.08 18.96
CA LYS A 144 -17.71 -9.84 18.33
C LYS A 144 -17.12 -11.00 17.53
N ASP A 145 -17.81 -12.14 17.57
CA ASP A 145 -17.37 -13.40 16.90
C ASP A 145 -17.29 -13.19 15.39
N THR A 146 -18.06 -12.28 14.80
CA THR A 146 -18.01 -12.01 13.34
C THR A 146 -16.61 -11.48 12.94
N TYR A 147 -15.91 -10.78 13.85
CA TYR A 147 -14.54 -10.23 13.63
C TYR A 147 -13.51 -11.17 14.26
N SER A 148 -13.54 -11.35 15.58
CA SER A 148 -12.55 -12.21 16.27
C SER A 148 -13.14 -13.63 16.37
N LYS A 149 -13.19 -14.32 15.23
CA LYS A 149 -13.84 -15.65 15.07
C LYS A 149 -13.20 -16.66 16.02
N PRO A 150 -13.95 -17.29 16.95
CA PRO A 150 -13.37 -18.27 17.85
C PRO A 150 -12.81 -19.43 17.01
N ASP A 151 -11.60 -19.92 17.31
CA ASP A 151 -11.02 -21.09 16.60
C ASP A 151 -11.61 -22.36 17.23
N SER A 152 -11.20 -23.53 16.75
CA SER A 152 -11.72 -24.85 17.23
C SER A 152 -11.70 -24.89 18.76
N ASN A 153 -10.64 -24.35 19.37
CA ASN A 153 -10.37 -24.43 20.84
C ASN A 153 -11.08 -23.31 21.61
N GLY A 154 -11.80 -22.40 20.94
CA GLY A 154 -12.53 -21.27 21.56
C GLY A 154 -11.69 -20.00 21.70
N ARG A 155 -10.46 -19.99 21.17
CA ARG A 155 -9.55 -18.83 21.30
C ARG A 155 -9.93 -17.77 20.26
N LYS A 156 -9.92 -16.52 20.71
CA LYS A 156 -10.25 -15.32 19.90
C LYS A 156 -8.97 -14.48 19.81
N HIS A 157 -8.83 -13.72 18.73
CA HIS A 157 -7.60 -12.93 18.45
C HIS A 157 -7.98 -11.52 18.05
N MET A 158 -7.32 -10.55 18.66
CA MET A 158 -7.59 -9.13 18.44
C MET A 158 -6.24 -8.41 18.44
N TYR A 159 -6.02 -7.56 17.47
CA TYR A 159 -4.80 -6.71 17.45
C TYR A 159 -5.11 -5.38 18.12
N VAL A 160 -4.08 -4.86 18.79
CA VAL A 160 -3.98 -3.42 19.16
C VAL A 160 -3.08 -2.79 18.10
N VAL A 161 -3.61 -1.77 17.43
CA VAL A 161 -3.08 -1.25 16.15
C VAL A 161 -2.83 0.26 16.30
N ARG A 162 -1.63 0.68 15.92
CA ARG A 162 -1.33 2.11 15.68
C ARG A 162 -1.90 2.47 14.31
N VAL A 163 -2.83 3.42 14.28
CA VAL A 163 -3.53 3.77 13.01
C VAL A 163 -3.33 5.26 12.76
N LEU A 164 -2.89 5.58 11.54
CA LEU A 164 -2.77 6.98 11.07
C LEU A 164 -4.16 7.42 10.56
N THR A 165 -5.03 7.82 11.49
CA THR A 165 -6.40 8.31 11.21
C THR A 165 -6.33 9.72 10.63
N GLY A 166 -5.34 10.52 11.04
CA GLY A 166 -5.12 11.89 10.56
C GLY A 166 -6.40 12.71 10.61
N VAL A 167 -6.73 13.39 9.51
CA VAL A 167 -7.94 14.23 9.37
C VAL A 167 -9.00 13.33 8.72
N PHE A 168 -10.14 13.17 9.37
CA PHE A 168 -11.15 12.16 8.96
C PHE A 168 -12.46 12.84 8.63
N THR A 169 -13.28 12.16 7.84
CA THR A 169 -14.65 12.60 7.51
C THR A 169 -15.57 11.38 7.59
N LYS A 170 -16.87 11.58 7.49
CA LYS A 170 -17.86 10.46 7.47
C LYS A 170 -17.69 9.65 6.19
N GLY A 171 -17.65 8.33 6.31
CA GLY A 171 -17.56 7.44 5.14
C GLY A 171 -18.93 7.12 4.59
N ARG A 172 -18.94 6.33 3.54
CA ARG A 172 -20.17 5.83 2.86
CA ARG A 172 -20.17 5.83 2.86
C ARG A 172 -19.79 4.58 2.06
N ALA A 173 -20.78 3.79 1.66
CA ALA A 173 -20.56 2.52 0.95
C ALA A 173 -19.90 2.81 -0.40
N GLY A 174 -18.96 1.97 -0.79
CA GLY A 174 -18.37 1.98 -2.14
C GLY A 174 -17.15 2.88 -2.26
N LEU A 175 -16.76 3.65 -1.24
CA LEU A 175 -15.49 4.44 -1.29
C LEU A 175 -14.32 3.46 -1.54
N VAL A 176 -13.39 3.81 -2.43
CA VAL A 176 -12.12 3.04 -2.59
C VAL A 176 -10.95 3.84 -2.00
N THR A 177 -11.13 5.14 -1.78
CA THR A 177 -10.18 6.02 -1.07
C THR A 177 -11.00 6.98 -0.24
N PRO A 178 -10.41 7.70 0.73
CA PRO A 178 -11.18 8.70 1.45
C PRO A 178 -11.58 9.78 0.46
N PRO A 179 -12.67 10.54 0.75
CA PRO A 179 -13.09 11.65 -0.09
C PRO A 179 -12.05 12.77 -0.13
N PRO A 180 -12.10 13.66 -1.14
CA PRO A 180 -11.28 14.87 -1.12
C PRO A 180 -11.72 15.84 0.00
N LYS A 181 -10.76 16.55 0.59
CA LYS A 181 -11.01 17.55 1.65
C LYS A 181 -11.71 18.79 1.07
N ASN A 182 -11.84 18.85 -0.25
CA ASN A 182 -12.41 20.01 -1.01
C ASN A 182 -12.51 19.61 -2.48
N PRO A 183 -13.72 19.47 -3.05
CA PRO A 183 -13.86 19.07 -4.45
C PRO A 183 -13.20 20.02 -5.48
N HIS A 184 -12.70 21.19 -5.06
CA HIS A 184 -11.82 22.10 -5.84
C HIS A 184 -10.48 21.44 -6.16
N ASN A 185 -9.85 20.78 -5.18
CA ASN A 185 -8.58 20.01 -5.32
C ASN A 185 -8.88 18.53 -5.04
N PRO A 186 -9.34 17.77 -6.06
CA PRO A 186 -9.85 16.42 -5.85
C PRO A 186 -8.80 15.40 -5.38
N THR A 187 -7.50 15.71 -5.45
CA THR A 187 -6.41 14.76 -5.07
C THR A 187 -5.93 14.99 -3.63
N ASP A 188 -6.33 16.08 -2.98
CA ASP A 188 -5.96 16.35 -1.57
C ASP A 188 -6.99 15.65 -0.67
N LEU A 189 -6.68 14.46 -0.15
CA LEU A 189 -7.69 13.55 0.47
C LEU A 189 -7.71 13.70 2.00
N PHE A 190 -8.84 13.39 2.61
CA PHE A 190 -8.89 12.99 4.04
C PHE A 190 -7.95 11.79 4.23
N ASP A 191 -7.47 11.56 5.45
CA ASP A 191 -6.55 10.42 5.74
C ASP A 191 -7.36 9.14 6.01
N SER A 192 -8.54 9.28 6.60
CA SER A 192 -9.41 8.12 6.92
C SER A 192 -10.88 8.54 6.89
N VAL A 193 -11.77 7.57 7.03
CA VAL A 193 -13.21 7.89 7.23
C VAL A 193 -13.70 7.22 8.52
N THR A 194 -14.87 7.64 8.98
CA THR A 194 -15.45 7.13 10.24
C THR A 194 -16.96 6.97 10.06
N ASN A 195 -17.61 6.25 10.96
CA ASN A 195 -19.09 6.18 11.02
C ASN A 195 -19.69 7.52 11.49
N ASN A 196 -18.98 8.28 12.31
CA ASN A 196 -19.51 9.45 13.04
C ASN A 196 -18.37 10.38 13.45
N THR A 197 -18.29 11.60 12.93
CA THR A 197 -17.11 12.50 13.12
C THR A 197 -17.09 13.07 14.53
N ARG A 198 -18.25 13.31 15.15
CA ARG A 198 -18.36 13.91 16.52
C ARG A 198 -18.01 12.83 17.56
N SER A 199 -18.39 11.59 17.36
CA SER A 199 -18.21 10.49 18.34
C SER A 199 -17.89 9.19 17.60
N PRO A 200 -16.68 9.08 17.06
CA PRO A 200 -16.32 7.94 16.23
C PRO A 200 -16.23 6.62 17.01
N LYS A 201 -16.68 5.52 16.42
CA LYS A 201 -16.49 4.16 17.01
C LYS A 201 -15.73 3.26 16.04
N LEU A 202 -15.58 3.67 14.79
CA LEU A 202 -14.73 2.92 13.85
C LEU A 202 -14.05 3.90 12.89
N PHE A 203 -12.90 3.47 12.37
CA PHE A 203 -12.10 4.19 11.35
C PHE A 203 -11.78 3.19 10.26
N VAL A 204 -11.77 3.68 9.03
CA VAL A 204 -11.42 2.89 7.83
C VAL A 204 -10.21 3.58 7.20
N VAL A 205 -9.15 2.83 6.93
CA VAL A 205 -8.00 3.35 6.14
C VAL A 205 -7.92 2.52 4.86
N PHE A 206 -7.42 3.14 3.79
CA PHE A 206 -7.56 2.63 2.41
C PHE A 206 -6.17 2.42 1.78
N PHE A 207 -5.10 2.53 2.55
CA PHE A 207 -3.71 2.40 2.05
C PHE A 207 -2.90 1.51 2.98
N ASP A 208 -2.01 0.74 2.37
CA ASP A 208 -1.05 -0.13 3.07
C ASP A 208 -0.19 0.78 3.94
N ASN A 209 0.22 0.29 5.09
CA ASN A 209 1.24 1.00 5.91
C ASN A 209 0.64 2.26 6.57
N GLN A 210 -0.69 2.39 6.62
CA GLN A 210 -1.36 3.38 7.50
C GLN A 210 -1.70 2.76 8.86
N ALA A 211 -1.38 1.48 9.07
CA ALA A 211 -1.68 0.76 10.34
C ALA A 211 -0.50 -0.14 10.69
N TYR A 212 -0.05 -0.11 11.94
CA TYR A 212 1.00 -1.03 12.45
C TYR A 212 0.38 -1.91 13.53
N PRO A 213 0.30 -3.24 13.31
CA PRO A 213 -0.24 -4.15 14.30
C PRO A 213 0.81 -4.22 15.41
N GLU A 214 0.48 -3.74 16.62
CA GLU A 214 1.50 -3.55 17.68
C GLU A 214 1.46 -4.71 18.67
N TYR A 215 0.26 -5.14 19.09
CA TYR A 215 0.07 -6.28 20.02
C TYR A 215 -1.00 -7.21 19.47
N LEU A 216 -0.85 -8.50 19.75
CA LEU A 216 -1.89 -9.50 19.50
C LEU A 216 -2.35 -10.02 20.86
N ILE A 217 -3.64 -9.93 21.09
CA ILE A 217 -4.31 -10.45 22.32
C ILE A 217 -4.99 -11.76 21.94
N THR A 218 -4.63 -12.84 22.62
CA THR A 218 -5.34 -14.14 22.56
C THR A 218 -6.21 -14.23 23.81
N PHE A 219 -7.52 -14.43 23.65
CA PHE A 219 -8.51 -14.31 24.75
C PHE A 219 -9.69 -15.24 24.50
N THR A 220 -10.56 -15.43 25.50
CA THR A 220 -11.70 -16.37 25.41
C THR A 220 -12.90 -15.73 26.08
N ALA A 221 -14.10 -16.16 25.67
CA ALA A 221 -15.39 -15.61 26.14
C ALA A 221 -15.66 -16.08 27.58
N ASN B 24 16.19 12.10 0.94
CA ASN B 24 16.91 11.10 0.07
C ASN B 24 16.57 11.36 -1.41
N LEU B 25 16.20 12.59 -1.78
CA LEU B 25 15.68 12.88 -3.16
C LEU B 25 16.83 12.84 -4.15
N PRO B 26 16.66 12.29 -5.37
CA PRO B 26 17.77 12.18 -6.32
C PRO B 26 18.36 13.57 -6.68
N GLU B 27 19.69 13.64 -6.84
CA GLU B 27 20.41 14.94 -6.98
C GLU B 27 20.18 15.60 -8.35
N HIS B 28 19.69 14.88 -9.35
CA HIS B 28 19.41 15.42 -10.70
C HIS B 28 17.99 15.97 -10.79
N TRP B 29 17.16 15.85 -9.74
CA TRP B 29 15.81 16.46 -9.77
C TRP B 29 16.00 17.97 -9.70
N THR B 30 15.07 18.73 -10.27
CA THR B 30 15.01 20.20 -10.10
C THR B 30 14.72 20.52 -8.64
N ASP B 31 15.22 21.66 -8.16
CA ASP B 31 14.86 22.23 -6.83
C ASP B 31 13.35 22.40 -6.85
N MET B 32 12.68 21.95 -5.81
CA MET B 32 11.20 22.10 -5.71
C MET B 32 10.83 23.16 -4.68
N ASN B 33 11.83 23.76 -4.00
CA ASN B 33 11.68 24.91 -3.07
C ASN B 33 10.71 24.52 -1.95
N HIS B 34 10.99 23.41 -1.26
CA HIS B 34 10.20 22.90 -0.11
C HIS B 34 8.84 22.33 -0.57
N GLN B 35 8.51 22.40 -1.87
CA GLN B 35 7.30 21.75 -2.46
C GLN B 35 7.54 20.24 -2.53
N LEU B 36 6.45 19.46 -2.50
CA LEU B 36 6.49 17.98 -2.35
C LEU B 36 6.29 17.33 -3.73
N PHE B 37 5.90 18.11 -4.74
CA PHE B 37 5.51 17.57 -6.06
C PHE B 37 5.79 18.58 -7.17
N CYS B 38 6.32 18.09 -8.29
CA CYS B 38 6.62 18.89 -9.50
C CYS B 38 6.63 17.93 -10.70
N MET B 39 6.09 18.37 -11.83
CA MET B 39 6.25 17.71 -13.15
C MET B 39 7.26 18.53 -13.93
N VAL B 40 8.30 17.89 -14.47
CA VAL B 40 9.39 18.59 -15.19
C VAL B 40 9.39 18.14 -16.65
N GLN B 41 9.19 19.12 -17.54
CA GLN B 41 9.18 18.87 -19.00
C GLN B 41 10.61 18.61 -19.46
N LEU B 42 10.86 17.46 -20.10
CA LEU B 42 12.21 17.12 -20.63
C LEU B 42 12.42 17.73 -22.00
N GLU B 43 13.68 17.92 -22.37
CA GLU B 43 14.12 18.52 -23.66
C GLU B 43 14.61 17.41 -24.58
N PRO B 44 14.04 17.27 -25.80
CA PRO B 44 14.60 16.38 -26.82
C PRO B 44 16.10 16.69 -26.97
N GLY B 45 16.93 15.70 -27.24
CA GLY B 45 18.40 15.91 -27.34
C GLY B 45 19.10 15.55 -26.03
N GLN B 46 18.45 15.71 -24.88
CA GLN B 46 19.00 15.23 -23.60
C GLN B 46 18.92 13.69 -23.59
N SER B 47 19.94 13.02 -23.03
CA SER B 47 19.98 11.55 -22.91
C SER B 47 18.70 11.07 -22.19
N GLU B 48 18.22 11.81 -21.19
CA GLU B 48 17.08 11.39 -20.35
C GLU B 48 15.81 11.29 -21.23
N TYR B 49 15.50 12.32 -22.01
CA TYR B 49 14.38 12.29 -22.97
C TYR B 49 14.60 11.18 -23.99
N ASN B 50 15.78 11.16 -24.61
CA ASN B 50 16.05 10.29 -25.78
C ASN B 50 15.97 8.81 -25.39
N THR B 51 16.40 8.41 -24.20
CA THR B 51 16.34 6.98 -23.81
CA THR B 51 16.34 6.97 -23.83
C THR B 51 14.87 6.55 -23.63
N ILE B 52 14.05 7.41 -23.04
CA ILE B 52 12.59 7.10 -22.92
C ILE B 52 11.96 7.06 -24.30
N LYS B 53 12.22 8.05 -25.15
CA LYS B 53 11.71 8.04 -26.54
C LYS B 53 12.10 6.73 -27.23
N ASP B 54 13.37 6.31 -27.13
CA ASP B 54 13.84 5.07 -27.80
C ASP B 54 13.12 3.85 -27.23
N LYS B 55 12.88 3.83 -25.92
CA LYS B 55 12.26 2.67 -25.23
C LYS B 55 10.83 2.54 -25.75
N PHE B 56 10.18 3.67 -25.95
CA PHE B 56 8.79 3.79 -26.45
C PHE B 56 8.74 3.39 -27.92
N THR B 57 9.58 3.99 -28.76
CA THR B 57 9.49 3.85 -30.24
C THR B 57 9.95 2.45 -30.63
N ARG B 58 10.67 1.76 -29.76
CA ARG B 58 11.06 0.34 -29.99
C ARG B 58 9.83 -0.46 -30.46
N THR B 59 8.64 -0.22 -29.88
CA THR B 59 7.40 -0.98 -30.23
C THR B 59 6.26 -0.03 -30.66
N CYS B 60 6.38 1.30 -30.52
CA CYS B 60 5.31 2.29 -30.86
C CYS B 60 5.76 3.32 -31.90
N SER B 61 6.49 2.91 -32.93
CA SER B 61 7.06 3.83 -33.95
C SER B 61 5.96 4.48 -34.79
N SER B 62 4.71 3.98 -34.77
CA SER B 62 3.59 4.60 -35.53
C SER B 62 3.05 5.85 -34.82
N TYR B 63 3.14 5.92 -33.48
CA TYR B 63 2.67 7.07 -32.66
C TYR B 63 3.76 8.14 -32.64
N ALA B 64 3.43 9.35 -32.22
CA ALA B 64 4.42 10.45 -32.07
C ALA B 64 4.27 11.04 -30.66
N ILE B 65 5.41 11.33 -30.02
CA ILE B 65 5.43 11.86 -28.64
C ILE B 65 5.21 13.37 -28.70
N GLU B 66 4.24 13.86 -27.94
CA GLU B 66 4.03 15.31 -27.71
C GLU B 66 5.07 15.81 -26.70
N LYS B 67 5.17 15.18 -25.54
CA LYS B 67 6.14 15.58 -24.51
C LYS B 67 6.38 14.43 -23.54
N ILE B 68 7.45 14.55 -22.78
CA ILE B 68 7.82 13.59 -21.70
C ILE B 68 8.09 14.43 -20.46
N GLU B 69 7.39 14.11 -19.36
CA GLU B 69 7.56 14.86 -18.09
C GLU B 69 8.16 13.92 -17.06
N ARG B 70 9.20 14.37 -16.36
CA ARG B 70 9.70 13.68 -15.15
C ARG B 70 8.77 13.98 -13.99
N ILE B 71 8.27 12.93 -13.33
CA ILE B 71 7.43 13.04 -12.12
C ILE B 71 8.34 13.11 -10.89
N GLN B 72 8.31 14.23 -10.18
CA GLN B 72 9.05 14.45 -8.92
C GLN B 72 8.02 14.44 -7.79
N ASN B 73 7.80 13.27 -7.20
CA ASN B 73 6.81 13.10 -6.09
C ASN B 73 7.60 12.63 -4.87
N ALA B 74 7.95 13.54 -3.95
CA ALA B 74 8.88 13.26 -2.82
C ALA B 74 8.34 12.10 -1.97
N PHE B 75 7.07 12.17 -1.59
CA PHE B 75 6.43 11.14 -0.72
C PHE B 75 6.38 9.78 -1.44
N LEU B 76 5.94 9.70 -2.68
CA LEU B 76 5.86 8.39 -3.39
C LEU B 76 7.26 7.81 -3.52
N TRP B 77 8.26 8.67 -3.79
CA TRP B 77 9.65 8.24 -4.00
C TRP B 77 10.18 7.63 -2.71
N GLN B 78 9.98 8.31 -1.58
CA GLN B 78 10.45 7.82 -0.24
C GLN B 78 9.84 6.44 0.07
N SER B 79 8.52 6.30 -0.05
CA SER B 79 7.80 5.04 0.28
C SER B 79 8.28 3.93 -0.64
N TYR B 80 8.40 4.24 -1.93
CA TYR B 80 8.93 3.27 -2.94
C TYR B 80 10.36 2.87 -2.57
N GLN B 81 11.23 3.83 -2.29
CA GLN B 81 12.66 3.54 -2.00
C GLN B 81 12.77 2.68 -0.73
N VAL B 82 11.90 2.87 0.26
CA VAL B 82 11.85 2.01 1.47
C VAL B 82 11.51 0.59 1.05
N LYS B 83 10.50 0.41 0.19
CA LYS B 83 10.08 -0.94 -0.28
C LYS B 83 11.22 -1.58 -1.07
N LYS B 84 11.95 -0.81 -1.86
CA LYS B 84 13.06 -1.35 -2.69
C LYS B 84 14.15 -1.86 -1.75
N ARG B 85 14.48 -1.07 -0.73
CA ARG B 85 15.58 -1.43 0.20
C ARG B 85 15.20 -2.73 0.91
N GLN B 86 13.94 -2.85 1.31
CA GLN B 86 13.41 -4.07 1.98
C GLN B 86 13.50 -5.29 1.05
N MET B 87 13.12 -5.14 -0.20
CA MET B 87 13.16 -6.27 -1.15
C MET B 87 14.61 -6.59 -1.49
N ASP B 88 15.48 -5.57 -1.58
CA ASP B 88 16.92 -5.80 -1.84
C ASP B 88 17.52 -6.60 -0.65
N ILE B 89 17.09 -6.33 0.59
CA ILE B 89 17.55 -7.05 1.80
C ILE B 89 16.98 -8.47 1.71
N LYS B 90 15.68 -8.61 1.49
CA LYS B 90 14.98 -9.90 1.61
C LYS B 90 15.49 -10.87 0.52
N ASN B 91 15.72 -10.39 -0.69
CA ASN B 91 16.03 -11.25 -1.86
C ASN B 91 17.53 -11.42 -1.98
N ASP B 92 17.97 -12.47 -2.67
CA ASP B 92 19.41 -12.86 -2.69
C ASP B 92 20.10 -12.20 -3.89
N HIS B 93 20.54 -10.94 -3.74
CA HIS B 93 21.25 -10.17 -4.81
C HIS B 93 20.43 -10.16 -6.11
N LYS B 94 19.11 -10.07 -6.02
CA LYS B 94 18.25 -10.08 -7.23
C LYS B 94 18.28 -8.67 -7.85
N ASN B 95 18.09 -8.54 -9.16
CA ASN B 95 17.66 -7.25 -9.75
C ASN B 95 16.15 -7.20 -9.51
N ASN B 96 15.71 -6.45 -8.51
CA ASN B 96 14.30 -6.45 -8.10
C ASN B 96 13.47 -5.45 -8.92
N GLU B 97 14.12 -4.56 -9.65
CA GLU B 97 13.43 -3.41 -10.28
C GLU B 97 13.51 -3.50 -11.80
N ARG B 98 12.37 -3.28 -12.45
CA ARG B 98 12.23 -3.20 -13.91
C ARG B 98 11.58 -1.86 -14.23
N LEU B 99 11.86 -1.36 -15.43
CA LEU B 99 11.25 -0.14 -15.97
C LEU B 99 10.17 -0.58 -16.96
N LEU B 100 8.91 -0.31 -16.64
CA LEU B 100 7.76 -0.88 -17.37
C LEU B 100 6.83 0.28 -17.73
N PHE B 101 5.80 -0.01 -18.53
CA PHE B 101 4.86 0.97 -19.08
C PHE B 101 3.49 0.75 -18.47
N HIS B 102 2.75 1.84 -18.29
CA HIS B 102 1.34 1.77 -17.81
C HIS B 102 0.53 2.79 -18.60
N GLY B 103 -0.37 2.34 -19.47
CA GLY B 103 -1.28 3.27 -20.17
C GLY B 103 -2.41 3.62 -19.24
N THR B 104 -2.89 4.87 -19.23
CA THR B 104 -4.11 5.19 -18.47
C THR B 104 -4.89 6.32 -19.15
N ASP B 105 -6.10 6.55 -18.66
CA ASP B 105 -7.00 7.61 -19.16
C ASP B 105 -6.57 8.94 -18.55
N ALA B 106 -6.96 10.03 -19.20
CA ALA B 106 -6.68 11.41 -18.78
C ALA B 106 -7.23 11.66 -17.37
N ASP B 107 -8.40 11.09 -17.05
CA ASP B 107 -9.10 11.33 -15.77
C ASP B 107 -8.28 10.76 -14.59
N SER B 108 -7.42 9.76 -14.81
CA SER B 108 -6.60 9.11 -13.76
C SER B 108 -5.25 9.81 -13.56
N VAL B 109 -4.79 10.63 -14.51
CA VAL B 109 -3.39 11.16 -14.48
C VAL B 109 -3.15 11.99 -13.21
N PRO B 110 -4.05 12.92 -12.80
CA PRO B 110 -3.77 13.70 -11.59
C PRO B 110 -3.66 12.83 -10.32
N TYR B 111 -4.48 11.78 -10.17
CA TYR B 111 -4.45 10.85 -9.01
C TYR B 111 -3.13 10.07 -9.04
N VAL B 112 -2.75 9.49 -10.19
CA VAL B 112 -1.49 8.70 -10.29
C VAL B 112 -0.28 9.60 -9.99
N ASN B 113 -0.25 10.80 -10.56
CA ASN B 113 0.86 11.77 -10.36
C ASN B 113 1.05 11.99 -8.84
N GLN B 114 -0.05 12.14 -8.11
CA GLN B 114 -0.03 12.49 -6.66
C GLN B 114 0.07 11.25 -5.80
N HIS B 115 -0.57 10.14 -6.17
CA HIS B 115 -0.86 9.04 -5.20
C HIS B 115 -0.35 7.71 -5.71
N GLY B 116 0.10 7.67 -6.95
CA GLY B 116 0.63 6.46 -7.60
C GLY B 116 -0.49 5.49 -7.97
N PHE B 117 -0.16 4.20 -8.05
CA PHE B 117 -1.00 3.15 -8.64
C PHE B 117 -1.76 2.44 -7.54
N ASN B 118 -3.07 2.50 -7.62
CA ASN B 118 -3.98 1.95 -6.59
C ASN B 118 -4.69 0.77 -7.20
N ARG B 119 -4.39 -0.45 -6.71
CA ARG B 119 -5.00 -1.72 -7.19
C ARG B 119 -6.52 -1.64 -7.11
N SER B 120 -7.07 -0.90 -6.16
CA SER B 120 -8.53 -0.78 -5.94
C SER B 120 -9.20 -0.08 -7.14
N CYS B 121 -8.42 0.64 -7.95
CA CYS B 121 -8.90 1.47 -9.09
C CYS B 121 -8.67 0.70 -10.41
N ALA B 122 -7.90 -0.39 -10.37
CA ALA B 122 -7.41 -1.13 -11.57
C ALA B 122 -8.59 -1.71 -12.35
N GLY B 123 -8.52 -1.68 -13.68
CA GLY B 123 -9.48 -2.35 -14.58
C GLY B 123 -9.17 -3.82 -14.70
N LYS B 124 -10.16 -4.67 -15.00
CA LYS B 124 -9.90 -6.10 -15.31
C LYS B 124 -9.11 -6.11 -16.62
N ASN B 125 -7.96 -6.79 -16.65
CA ASN B 125 -7.14 -6.89 -17.88
C ASN B 125 -7.83 -7.89 -18.80
N ALA B 126 -7.72 -7.75 -20.12
CA ALA B 126 -8.32 -8.70 -21.08
C ALA B 126 -7.77 -10.12 -20.84
N VAL B 127 -6.52 -10.26 -20.42
CA VAL B 127 -5.99 -11.57 -19.90
C VAL B 127 -5.58 -11.36 -18.44
N SER B 128 -6.38 -11.86 -17.50
CA SER B 128 -6.15 -11.58 -16.07
C SER B 128 -5.22 -12.64 -15.48
N TYR B 129 -4.15 -12.15 -14.85
CA TYR B 129 -3.20 -12.97 -14.06
C TYR B 129 -3.30 -12.56 -12.60
N GLY B 130 -4.40 -11.92 -12.22
CA GLY B 130 -4.69 -11.50 -10.84
C GLY B 130 -5.25 -10.11 -10.75
N LYS B 131 -5.78 -9.79 -9.57
CA LYS B 131 -6.48 -8.53 -9.27
C LYS B 131 -5.45 -7.54 -8.70
N GLY B 132 -4.68 -6.93 -9.58
CA GLY B 132 -3.63 -5.98 -9.17
C GLY B 132 -3.45 -4.91 -10.21
N THR B 133 -2.39 -4.14 -10.07
CA THR B 133 -2.03 -3.14 -11.09
C THR B 133 -1.09 -3.79 -12.10
N TYR B 134 -1.37 -3.58 -13.39
CA TYR B 134 -0.69 -4.22 -14.53
C TYR B 134 0.35 -3.25 -15.12
N PHE B 135 1.50 -3.80 -15.48
CA PHE B 135 2.62 -3.06 -16.09
C PHE B 135 3.12 -3.88 -17.28
N ALA B 136 3.36 -3.21 -18.40
CA ALA B 136 3.76 -3.82 -19.67
C ALA B 136 5.26 -3.63 -19.91
N VAL B 137 5.90 -4.66 -20.43
CA VAL B 137 7.30 -4.63 -20.93
C VAL B 137 7.36 -3.75 -22.18
N ASP B 138 6.35 -3.85 -23.06
CA ASP B 138 6.33 -3.20 -24.39
C ASP B 138 5.34 -2.05 -24.39
N ALA B 139 5.80 -0.87 -24.81
CA ALA B 139 4.94 0.33 -24.95
C ALA B 139 3.73 -0.01 -25.82
N SER B 140 3.90 -0.84 -26.86
CA SER B 140 2.80 -1.19 -27.81
C SER B 140 1.58 -1.71 -27.05
N TYR B 141 1.78 -2.46 -25.97
CA TYR B 141 0.70 -3.05 -25.15
C TYR B 141 -0.08 -1.92 -24.45
N SER B 142 0.64 -1.07 -23.73
CA SER B 142 0.09 0.11 -23.03
C SER B 142 -0.53 1.11 -24.02
N ALA B 143 -0.09 1.13 -25.28
CA ALA B 143 -0.54 2.10 -26.31
C ALA B 143 -1.94 1.77 -26.82
N LYS B 144 -2.45 0.58 -26.53
CA LYS B 144 -3.85 0.19 -26.92
C LYS B 144 -4.86 1.17 -26.32
N ASP B 145 -5.88 1.53 -27.09
CA ASP B 145 -6.89 2.55 -26.70
C ASP B 145 -7.60 2.09 -25.43
N THR B 146 -7.66 0.80 -25.18
CA THR B 146 -8.26 0.21 -23.94
C THR B 146 -7.54 0.71 -22.69
N TYR B 147 -6.22 0.93 -22.73
CA TYR B 147 -5.44 1.39 -21.55
C TYR B 147 -5.19 2.90 -21.66
N SER B 148 -4.47 3.35 -22.68
CA SER B 148 -4.18 4.79 -22.90
C SER B 148 -5.33 5.41 -23.71
N LYS B 149 -6.49 5.50 -23.09
CA LYS B 149 -7.72 6.03 -23.73
C LYS B 149 -7.44 7.42 -24.29
N PRO B 150 -7.68 7.66 -25.58
CA PRO B 150 -7.48 9.00 -26.15
C PRO B 150 -8.45 9.98 -25.47
N ASP B 151 -7.96 11.16 -25.05
CA ASP B 151 -8.81 12.21 -24.43
C ASP B 151 -9.57 12.97 -25.53
N SER B 152 -10.41 13.94 -25.17
CA SER B 152 -11.22 14.75 -26.12
C SER B 152 -10.33 15.43 -27.17
N ASN B 153 -9.02 15.60 -26.92
CA ASN B 153 -8.09 16.23 -27.89
C ASN B 153 -7.24 15.19 -28.61
N GLY B 154 -7.51 13.90 -28.42
CA GLY B 154 -6.79 12.82 -29.11
C GLY B 154 -5.44 12.51 -28.45
N ARG B 155 -5.21 13.00 -27.25
CA ARG B 155 -3.92 12.75 -26.54
C ARG B 155 -4.04 11.44 -25.76
N LYS B 156 -3.02 10.60 -25.89
CA LYS B 156 -2.90 9.34 -25.12
C LYS B 156 -1.81 9.52 -24.05
N HIS B 157 -1.93 8.83 -22.92
CA HIS B 157 -1.06 8.99 -21.74
C HIS B 157 -0.53 7.63 -21.28
N MET B 158 0.78 7.55 -21.15
CA MET B 158 1.50 6.32 -20.73
C MET B 158 2.53 6.74 -19.69
N TYR B 159 2.54 6.08 -18.55
CA TYR B 159 3.63 6.24 -17.56
C TYR B 159 4.74 5.27 -17.87
N VAL B 160 5.95 5.72 -17.56
CA VAL B 160 7.14 4.85 -17.45
C VAL B 160 7.42 4.70 -15.97
N VAL B 161 7.54 3.46 -15.50
CA VAL B 161 7.33 3.13 -14.06
C VAL B 161 8.47 2.21 -13.59
N ARG B 162 9.09 2.57 -12.49
CA ARG B 162 10.00 1.69 -11.74
C ARG B 162 9.11 0.75 -10.96
N VAL B 163 9.19 -0.54 -11.25
CA VAL B 163 8.32 -1.56 -10.62
C VAL B 163 9.20 -2.57 -9.88
N LEU B 164 8.86 -2.86 -8.63
CA LEU B 164 9.59 -3.88 -7.84
C LEU B 164 9.01 -5.25 -8.17
N THR B 165 9.46 -5.82 -9.28
CA THR B 165 9.01 -7.13 -9.79
C THR B 165 9.60 -8.23 -8.90
N GLY B 166 10.80 -8.00 -8.37
CA GLY B 166 11.48 -8.96 -7.47
C GLY B 166 11.48 -10.36 -8.03
N VAL B 167 11.06 -11.33 -7.22
CA VAL B 167 10.97 -12.76 -7.63
C VAL B 167 9.52 -13.02 -8.00
N PHE B 168 9.28 -13.55 -9.18
CA PHE B 168 7.91 -13.66 -9.74
C PHE B 168 7.63 -15.05 -10.28
N THR B 169 6.34 -15.33 -10.42
CA THR B 169 5.82 -16.58 -10.98
C THR B 169 4.64 -16.26 -11.88
N LYS B 170 4.21 -17.23 -12.69
CA LYS B 170 3.00 -17.06 -13.52
C LYS B 170 1.80 -16.80 -12.60
N GLY B 171 1.03 -15.76 -12.84
CA GLY B 171 -0.15 -15.47 -12.01
C GLY B 171 -1.37 -16.28 -12.44
N ARG B 172 -2.50 -16.00 -11.81
CA ARG B 172 -3.80 -16.68 -11.96
C ARG B 172 -4.85 -15.63 -11.68
N ALA B 173 -5.97 -15.66 -12.43
CA ALA B 173 -7.06 -14.67 -12.34
C ALA B 173 -7.57 -14.53 -10.91
N GLY B 174 -7.54 -15.59 -10.09
CA GLY B 174 -8.08 -15.48 -8.71
C GLY B 174 -7.26 -14.62 -7.73
N LEU B 175 -5.99 -14.33 -7.99
CA LEU B 175 -5.04 -13.78 -6.97
C LEU B 175 -5.47 -12.38 -6.52
N VAL B 176 -5.48 -12.12 -5.21
CA VAL B 176 -5.63 -10.73 -4.67
C VAL B 176 -4.31 -10.30 -4.01
N THR B 177 -3.38 -11.25 -3.84
CA THR B 177 -1.95 -11.03 -3.47
C THR B 177 -1.13 -12.02 -4.28
N PRO B 178 0.21 -11.87 -4.36
CA PRO B 178 1.00 -12.84 -5.08
C PRO B 178 0.92 -14.14 -4.29
N PRO B 179 1.11 -15.30 -4.95
CA PRO B 179 0.97 -16.58 -4.28
C PRO B 179 2.20 -16.81 -3.39
N PRO B 180 2.10 -17.77 -2.46
CA PRO B 180 3.27 -18.20 -1.69
C PRO B 180 4.25 -18.93 -2.60
N LYS B 181 5.53 -18.84 -2.30
CA LYS B 181 6.59 -19.63 -2.97
C LYS B 181 6.43 -21.12 -2.62
N ASN B 182 5.91 -21.37 -1.43
CA ASN B 182 5.81 -22.70 -0.78
C ASN B 182 4.43 -22.80 -0.15
N PRO B 183 3.59 -23.77 -0.60
CA PRO B 183 2.24 -23.90 -0.07
C PRO B 183 2.20 -24.16 1.45
N HIS B 184 3.27 -24.71 2.04
CA HIS B 184 3.31 -25.00 3.49
C HIS B 184 3.83 -23.80 4.26
N ASN B 185 4.14 -22.68 3.59
CA ASN B 185 4.54 -21.40 4.23
C ASN B 185 3.77 -20.29 3.51
N PRO B 186 2.45 -20.19 3.78
CA PRO B 186 1.57 -19.32 2.99
C PRO B 186 1.90 -17.82 3.05
N THR B 187 2.71 -17.35 4.01
CA THR B 187 2.99 -15.90 4.19
C THR B 187 4.31 -15.49 3.50
N ASP B 188 5.11 -16.43 2.99
CA ASP B 188 6.37 -16.07 2.29
C ASP B 188 6.06 -15.98 0.80
N LEU B 189 5.83 -14.77 0.27
CA LEU B 189 5.14 -14.54 -1.02
C LEU B 189 6.16 -14.26 -2.12
N PHE B 190 5.82 -14.60 -3.36
CA PHE B 190 6.43 -14.01 -4.56
C PHE B 190 6.22 -12.49 -4.48
N ASP B 191 7.08 -11.70 -5.12
CA ASP B 191 6.97 -10.22 -5.08
C ASP B 191 5.95 -9.75 -6.11
N SER B 192 5.84 -10.43 -7.24
CA SER B 192 4.93 -10.08 -8.34
C SER B 192 4.54 -11.34 -9.11
N VAL B 193 3.58 -11.21 -10.01
CA VAL B 193 3.31 -12.32 -10.97
C VAL B 193 3.42 -11.78 -12.39
N THR B 194 3.55 -12.70 -13.34
CA THR B 194 3.72 -12.40 -14.77
C THR B 194 2.79 -13.27 -15.60
N ASN B 195 2.71 -13.00 -16.90
CA ASN B 195 1.88 -13.80 -17.83
C ASN B 195 2.65 -15.09 -18.20
N ASN B 196 3.98 -15.05 -18.14
CA ASN B 196 4.87 -16.12 -18.66
C ASN B 196 6.28 -15.94 -18.08
N THR B 197 6.81 -16.90 -17.32
CA THR B 197 8.10 -16.68 -16.61
C THR B 197 9.27 -16.74 -17.58
N ARG B 198 9.16 -17.52 -18.67
CA ARG B 198 10.23 -17.64 -19.69
C ARG B 198 10.28 -16.38 -20.58
N SER B 199 9.13 -15.79 -20.93
CA SER B 199 9.05 -14.56 -21.76
C SER B 199 8.04 -13.57 -21.16
N PRO B 200 8.38 -12.90 -20.04
CA PRO B 200 7.43 -12.01 -19.40
C PRO B 200 7.12 -10.81 -20.31
N LYS B 201 5.84 -10.52 -20.50
CA LYS B 201 5.38 -9.31 -21.22
C LYS B 201 4.53 -8.42 -20.30
N LEU B 202 4.00 -8.94 -19.20
CA LEU B 202 3.31 -8.10 -18.22
C LEU B 202 3.60 -8.58 -16.80
N PHE B 203 3.52 -7.64 -15.87
CA PHE B 203 3.74 -7.88 -14.43
C PHE B 203 2.57 -7.29 -13.68
N VAL B 204 2.15 -8.00 -12.64
CA VAL B 204 1.05 -7.53 -11.77
C VAL B 204 1.63 -7.35 -10.37
N VAL B 205 1.36 -6.20 -9.75
CA VAL B 205 1.75 -5.97 -8.34
C VAL B 205 0.49 -5.70 -7.51
N PHE B 206 0.55 -6.08 -6.24
CA PHE B 206 -0.64 -6.13 -5.37
C PHE B 206 -0.49 -5.28 -4.13
N PHE B 207 0.60 -4.52 -4.00
CA PHE B 207 0.83 -3.65 -2.81
C PHE B 207 1.09 -2.22 -3.25
N ASP B 208 0.69 -1.29 -2.37
CA ASP B 208 1.00 0.14 -2.51
C ASP B 208 2.52 0.35 -2.45
N ASN B 209 3.02 1.32 -3.20
CA ASN B 209 4.43 1.77 -3.10
C ASN B 209 5.37 0.70 -3.67
N GLN B 210 4.86 -0.19 -4.53
CA GLN B 210 5.69 -1.19 -5.23
C GLN B 210 6.04 -0.67 -6.64
N ALA B 211 5.51 0.48 -7.04
CA ALA B 211 5.72 1.05 -8.39
C ALA B 211 5.85 2.57 -8.25
N TYR B 212 6.85 3.18 -8.89
CA TYR B 212 7.06 4.64 -8.83
C TYR B 212 6.83 5.17 -10.23
N PRO B 213 5.80 6.00 -10.45
CA PRO B 213 5.57 6.60 -11.78
C PRO B 213 6.68 7.61 -12.00
N GLU B 214 7.61 7.32 -12.91
CA GLU B 214 8.81 8.15 -13.10
C GLU B 214 8.62 9.18 -14.22
N TYR B 215 7.99 8.80 -15.33
CA TYR B 215 7.79 9.69 -16.50
C TYR B 215 6.34 9.53 -16.98
N LEU B 216 5.76 10.63 -17.44
CA LEU B 216 4.49 10.65 -18.18
C LEU B 216 4.78 10.99 -19.63
N ILE B 217 4.46 10.06 -20.54
CA ILE B 217 4.52 10.30 -22.00
C ILE B 217 3.12 10.71 -22.46
N THR B 218 3.04 11.89 -23.07
CA THR B 218 1.84 12.35 -23.81
C THR B 218 2.14 12.17 -25.29
N PHE B 219 1.25 11.45 -26.00
CA PHE B 219 1.48 11.06 -27.41
C PHE B 219 0.13 11.06 -28.13
N THR B 220 0.20 11.07 -29.45
CA THR B 220 -0.95 11.16 -30.38
C THR B 220 -0.63 10.25 -31.55
N ALA B 221 -1.64 9.90 -32.36
CA ALA B 221 -1.41 9.28 -33.69
C ALA B 221 -0.85 10.37 -34.62
#